data_2QJB
#
_entry.id   2QJB
#
_cell.length_a   104.175
_cell.length_b   104.175
_cell.length_c   100.012
_cell.angle_alpha   90.00
_cell.angle_beta   90.00
_cell.angle_gamma   120.00
#
_symmetry.space_group_name_H-M   'P 65'
#
loop_
_entity.id
_entity.type
_entity.pdbx_description
1 polymer 'Bone morphogenetic protein 2'
2 polymer 'Bone morphogenetic protein receptor type IA'
3 non-polymer 'CHLORIDE ION'
4 water water
#
loop_
_entity_poly.entity_id
_entity_poly.type
_entity_poly.pdbx_seq_one_letter_code
_entity_poly.pdbx_strand_id
1 'polypeptide(L)'
;MAQAKHKQRKRLKSSCKRHPLYVDFSDVGWNDWIVAPPGYHAFYCHGECPFPLADHLNSTNHAIVQTLVNSVNSKIPKAC
CVPTELSAISMLYLDENEKVVLKNYQDMVVEGCGCR
;
A,B
2 'polypeptide(L)'
;GSGAMAQNLDSMLHGTGMKSDSDQKKSENGVTLAPEDTLPFLKCYCSHHCPEDAINNTCITNGHCFTMIEEDDQGETTLT
SGCLGLEGSDFQCRDTPIPHQRRSIECCRTNLCNQYLQPTLPPVVIGPFFDGSIR
;
C,D
#
loop_
_chem_comp.id
_chem_comp.type
_chem_comp.name
_chem_comp.formula
CL non-polymer 'CHLORIDE ION' 'Cl -1'
#
# COMPACT_ATOMS: atom_id res chain seq x y z
N SER A 14 7.35 15.26 -3.97
CA SER A 14 6.64 15.35 -2.66
C SER A 14 6.32 13.99 -2.00
N SER A 15 7.02 13.70 -0.90
CA SER A 15 7.14 12.31 -0.46
C SER A 15 6.01 11.78 0.40
N CYS A 16 5.93 10.46 0.50
CA CYS A 16 4.89 9.79 1.23
C CYS A 16 4.66 10.39 2.63
N LYS A 17 3.45 10.82 2.92
CA LYS A 17 3.10 11.26 4.27
C LYS A 17 1.58 11.16 4.53
N ARG A 18 1.15 11.46 5.76
CA ARG A 18 -0.26 11.38 6.10
C ARG A 18 -0.92 12.71 5.76
N HIS A 19 -2.13 12.66 5.23
CA HIS A 19 -2.89 13.87 4.96
C HIS A 19 -4.25 13.80 5.67
N PRO A 20 -4.87 14.96 5.90
CA PRO A 20 -6.19 15.00 6.53
C PRO A 20 -7.30 14.44 5.63
N LEU A 21 -8.29 13.83 6.27
CA LEU A 21 -9.50 13.43 5.60
C LEU A 21 -10.61 13.24 6.61
N TYR A 22 -11.64 14.06 6.56
CA TYR A 22 -12.77 13.80 7.42
C TYR A 22 -13.89 13.21 6.59
N VAL A 23 -14.53 12.18 7.12
CA VAL A 23 -15.52 11.46 6.36
C VAL A 23 -16.78 11.81 7.06
N ASP A 24 -17.62 12.62 6.41
CA ASP A 24 -18.88 13.01 7.02
C ASP A 24 -19.94 12.04 6.56
N PHE A 25 -20.51 11.29 7.48
CA PHE A 25 -21.47 10.28 7.08
C PHE A 25 -22.65 10.86 6.32
N SER A 26 -23.01 12.12 6.63
CA SER A 26 -24.12 12.72 5.95
C SER A 26 -23.79 13.00 4.48
N ASP A 27 -22.57 13.46 4.24
CA ASP A 27 -22.15 13.70 2.89
C ASP A 27 -22.17 12.44 2.04
N VAL A 28 -21.74 11.29 2.57
CA VAL A 28 -21.78 10.06 1.76
C VAL A 28 -23.04 9.22 1.94
N GLY A 29 -24.07 9.76 2.57
CA GLY A 29 -25.37 9.11 2.58
C GLY A 29 -25.51 7.95 3.54
N TRP A 30 -24.57 7.83 4.47
CA TRP A 30 -24.67 6.76 5.45
C TRP A 30 -25.40 7.17 6.71
N ASN A 31 -25.82 8.43 6.78
CA ASN A 31 -26.39 8.98 7.99
C ASN A 31 -27.65 8.23 8.48
N ASP A 32 -28.11 7.25 7.73
CA ASP A 32 -29.38 6.60 8.05
C ASP A 32 -29.20 5.15 8.45
N TRP A 33 -27.97 4.70 8.65
CA TRP A 33 -27.78 3.44 9.34
C TRP A 33 -26.69 3.58 10.40
N ILE A 34 -25.99 4.71 10.35
CA ILE A 34 -24.97 4.97 11.34
C ILE A 34 -25.53 6.01 12.27
N VAL A 35 -25.74 5.65 13.52
CA VAL A 35 -26.45 6.55 14.41
C VAL A 35 -25.50 7.50 15.11
N ALA A 36 -24.21 7.21 15.01
CA ALA A 36 -23.25 7.95 15.77
C ALA A 36 -21.98 7.21 15.54
N PRO A 37 -20.86 7.92 15.35
CA PRO A 37 -20.65 9.37 15.35
C PRO A 37 -21.17 9.93 14.05
N PRO A 38 -21.30 11.26 13.94
CA PRO A 38 -21.77 11.82 12.68
C PRO A 38 -20.71 11.75 11.60
N GLY A 39 -19.48 11.55 12.02
CA GLY A 39 -18.38 11.34 11.06
C GLY A 39 -17.08 11.17 11.79
N TYR A 40 -15.99 11.02 11.06
CA TYR A 40 -14.74 10.94 11.76
C TYR A 40 -13.54 11.32 10.91
N HIS A 41 -12.45 11.62 11.61
CA HIS A 41 -11.20 11.89 10.95
C HIS A 41 -10.52 10.60 10.53
N ALA A 42 -10.52 10.31 9.24
CA ALA A 42 -9.95 9.07 8.77
C ALA A 42 -8.50 9.21 8.30
N PHE A 43 -8.15 10.38 7.75
CA PHE A 43 -6.83 10.59 7.15
C PHE A 43 -6.65 9.69 5.96
N TYR A 44 -5.64 10.01 5.15
CA TYR A 44 -5.14 9.06 4.18
C TYR A 44 -3.64 9.22 3.94
N CYS A 45 -3.07 8.33 3.14
CA CYS A 45 -1.65 8.34 2.83
C CYS A 45 -1.43 8.61 1.34
N HIS A 46 -0.39 9.34 1.00
CA HIS A 46 -0.14 9.70 -0.38
C HIS A 46 1.22 10.38 -0.51
N GLY A 47 1.85 10.21 -1.68
CA GLY A 47 3.14 10.84 -1.99
C GLY A 47 4.20 9.87 -2.46
N GLU A 48 5.35 10.39 -2.89
CA GLU A 48 6.34 9.57 -3.58
C GLU A 48 7.07 8.66 -2.62
N CYS A 49 7.55 7.52 -3.14
CA CYS A 49 8.44 6.66 -2.39
C CYS A 49 9.80 6.61 -3.06
N PRO A 50 10.62 7.63 -2.84
CA PRO A 50 11.79 7.83 -3.70
C PRO A 50 12.94 6.97 -3.24
N PHE A 51 14.13 7.17 -3.79
CA PHE A 51 15.31 6.53 -3.24
C PHE A 51 16.30 7.56 -2.71
N PRO A 52 16.88 7.32 -1.53
CA PRO A 52 16.69 6.13 -0.72
C PRO A 52 15.44 6.30 0.14
N LEU A 53 14.85 5.21 0.60
CA LEU A 53 13.70 5.35 1.50
C LEU A 53 14.11 5.75 2.93
N ALA A 54 13.88 7.01 3.29
CA ALA A 54 14.31 7.46 4.61
C ALA A 54 13.62 6.67 5.75
N ASP A 55 14.17 6.76 6.94
CA ASP A 55 13.73 5.98 8.10
C ASP A 55 12.26 6.23 8.44
N HIS A 56 11.79 7.45 8.23
CA HIS A 56 10.46 7.77 8.65
C HIS A 56 9.42 7.23 7.69
N LEU A 57 9.83 6.42 6.74
CA LEU A 57 8.87 5.72 5.85
C LEU A 57 8.67 4.26 6.24
N ASN A 58 9.27 3.83 7.35
CA ASN A 58 9.07 2.44 7.78
C ASN A 58 9.01 1.52 6.62
N SER A 59 10.04 1.43 5.83
CA SER A 59 9.87 0.59 4.72
C SER A 59 10.25 -0.86 5.10
N THR A 60 9.66 -1.83 4.40
CA THR A 60 10.04 -3.22 4.52
C THR A 60 11.27 -3.41 3.65
N ASN A 61 12.12 -4.37 3.99
CA ASN A 61 13.09 -4.83 3.06
C ASN A 61 12.53 -4.95 1.65
N HIS A 62 11.36 -5.57 1.47
CA HIS A 62 10.84 -5.71 0.11
C HIS A 62 10.65 -4.33 -0.59
N ALA A 63 9.94 -3.42 0.06
CA ALA A 63 9.71 -2.12 -0.55
C ALA A 63 11.04 -1.48 -0.98
N ILE A 64 12.10 -1.79 -0.23
CA ILE A 64 13.41 -1.24 -0.54
C ILE A 64 14.02 -1.94 -1.76
N VAL A 65 13.94 -3.26 -1.78
CA VAL A 65 14.51 -3.95 -2.91
C VAL A 65 13.79 -3.49 -4.13
N GLN A 66 12.48 -3.32 -3.98
CA GLN A 66 11.63 -3.05 -5.14
C GLN A 66 11.94 -1.67 -5.64
N THR A 67 12.26 -0.77 -4.72
CA THR A 67 12.58 0.60 -5.07
C THR A 67 13.84 0.68 -5.91
N LEU A 68 14.88 -0.05 -5.50
CA LEU A 68 16.10 -0.16 -6.32
C LEU A 68 15.82 -0.81 -7.68
N VAL A 69 14.99 -1.85 -7.68
CA VAL A 69 14.72 -2.51 -8.93
C VAL A 69 14.06 -1.53 -9.89
N ASN A 70 13.15 -0.74 -9.39
CA ASN A 70 12.55 0.32 -10.20
C ASN A 70 13.56 1.27 -10.88
N SER A 71 14.63 1.67 -10.19
CA SER A 71 15.53 2.67 -10.77
C SER A 71 16.32 2.09 -11.93
N VAL A 72 16.27 0.78 -12.05
CA VAL A 72 17.07 0.09 -13.04
C VAL A 72 16.16 -0.61 -14.05
N ASN A 73 14.93 -0.91 -13.67
CA ASN A 73 13.95 -1.40 -14.63
C ASN A 73 12.66 -0.63 -14.43
N SER A 74 12.38 0.30 -15.32
CA SER A 74 11.22 1.19 -15.16
C SER A 74 9.88 0.44 -15.18
N LYS A 75 9.86 -0.77 -15.73
CA LYS A 75 8.61 -1.52 -15.79
C LYS A 75 8.12 -2.02 -14.42
N ILE A 76 8.96 -1.86 -13.40
CA ILE A 76 8.63 -2.31 -12.06
C ILE A 76 8.29 -1.12 -11.20
N PRO A 77 7.04 -1.01 -10.77
CA PRO A 77 6.60 0.15 -10.02
C PRO A 77 7.36 0.42 -8.73
N LYS A 78 7.40 1.69 -8.35
CA LYS A 78 7.89 2.07 -7.03
C LYS A 78 7.07 1.49 -5.87
N ALA A 79 7.65 1.46 -4.68
CA ALA A 79 6.86 1.21 -3.49
C ALA A 79 5.63 2.13 -3.49
N CYS A 80 4.52 1.65 -2.96
CA CYS A 80 3.38 2.55 -2.74
C CYS A 80 3.22 3.15 -1.33
N CYS A 81 2.65 4.34 -1.21
CA CYS A 81 2.47 4.98 0.11
C CYS A 81 1.11 4.61 0.74
N VAL A 82 1.14 3.84 1.83
CA VAL A 82 -0.06 3.25 2.44
C VAL A 82 -0.12 3.38 3.97
N PRO A 83 -1.30 3.20 4.56
CA PRO A 83 -1.32 3.18 6.03
C PRO A 83 -0.38 2.14 6.59
N THR A 84 0.24 2.46 7.69
CA THR A 84 1.30 1.60 8.17
C THR A 84 1.11 1.30 9.64
N GLU A 85 0.21 2.07 10.25
CA GLU A 85 -0.35 1.82 11.58
C GLU A 85 -1.75 2.40 11.57
N LEU A 86 -2.71 1.69 12.15
CA LEU A 86 -4.11 2.05 12.05
C LEU A 86 -4.82 1.84 13.38
N SER A 87 -5.77 2.70 13.72
CA SER A 87 -6.50 2.53 14.98
C SER A 87 -7.99 2.33 14.81
N ALA A 88 -8.62 1.76 15.82
CA ALA A 88 -10.03 1.51 15.75
C ALA A 88 -10.93 2.73 16.10
N ILE A 89 -12.21 2.65 15.72
CA ILE A 89 -13.24 3.49 16.35
C ILE A 89 -14.57 2.77 16.54
N SER A 90 -15.39 3.32 17.42
CA SER A 90 -16.64 2.72 17.78
C SER A 90 -17.73 3.38 17.01
N MET A 91 -18.78 2.64 16.74
CA MET A 91 -19.97 3.24 16.17
C MET A 91 -21.24 2.62 16.66
N LEU A 92 -22.31 3.40 16.60
CA LEU A 92 -23.64 2.92 16.85
C LEU A 92 -24.35 2.84 15.52
N TYR A 93 -24.77 1.63 15.17
CA TYR A 93 -25.42 1.38 13.89
C TYR A 93 -26.67 0.51 14.00
N LEU A 94 -27.27 0.19 12.85
CA LEU A 94 -28.54 -0.55 12.79
C LEU A 94 -28.35 -1.97 12.26
N ASP A 95 -28.84 -2.98 12.99
CA ASP A 95 -28.68 -4.38 12.54
C ASP A 95 -29.32 -4.61 11.20
N GLU A 96 -28.76 -5.55 10.44
CA GLU A 96 -29.40 -6.04 9.23
C GLU A 96 -30.93 -5.95 9.39
N ASN A 97 -31.40 -6.04 10.63
CA ASN A 97 -32.83 -5.95 10.98
C ASN A 97 -33.25 -4.58 11.57
N GLU A 98 -32.42 -3.56 11.35
CA GLU A 98 -32.65 -2.19 11.85
C GLU A 98 -32.87 -2.09 13.38
N LYS A 99 -31.80 -1.79 14.11
CA LYS A 99 -31.86 -1.38 15.53
C LYS A 99 -30.49 -1.21 16.19
N VAL A 100 -30.30 -0.04 16.81
CA VAL A 100 -29.13 0.34 17.63
C VAL A 100 -28.21 -0.82 18.01
N VAL A 101 -26.99 -0.80 17.47
CA VAL A 101 -25.98 -1.79 17.84
C VAL A 101 -24.60 -1.14 17.91
N LEU A 102 -23.84 -1.51 18.94
CA LEU A 102 -22.54 -0.91 19.22
C LEU A 102 -21.39 -1.80 18.77
N LYS A 103 -20.65 -1.37 17.76
CA LYS A 103 -19.56 -2.19 17.26
C LYS A 103 -18.23 -1.45 17.19
N ASN A 104 -17.17 -2.16 17.51
CA ASN A 104 -15.82 -1.65 17.38
C ASN A 104 -15.25 -1.94 15.97
N TYR A 105 -15.02 -0.91 15.18
CA TYR A 105 -14.49 -1.11 13.84
C TYR A 105 -13.01 -0.90 13.86
N GLN A 106 -12.27 -1.96 13.55
CA GLN A 106 -10.81 -1.95 13.51
C GLN A 106 -10.29 -1.13 12.36
N ASP A 107 -9.02 -0.74 12.39
CA ASP A 107 -8.35 -0.25 11.19
C ASP A 107 -9.18 0.78 10.41
N MET A 108 -9.72 1.75 11.13
CA MET A 108 -10.55 2.77 10.53
C MET A 108 -9.79 4.09 10.36
N VAL A 109 -8.75 4.28 11.17
CA VAL A 109 -8.05 5.54 11.25
C VAL A 109 -6.57 5.38 11.00
N VAL A 110 -6.04 6.13 10.06
CA VAL A 110 -4.61 6.11 9.83
C VAL A 110 -3.84 6.83 10.95
N GLU A 111 -2.97 6.08 11.61
CA GLU A 111 -2.04 6.67 12.54
C GLU A 111 -0.71 7.02 11.88
N GLY A 112 -0.29 6.24 10.89
CA GLY A 112 1.01 6.49 10.25
C GLY A 112 1.06 5.88 8.88
N CYS A 113 1.94 6.41 8.03
CA CYS A 113 2.09 5.97 6.65
C CYS A 113 3.53 5.55 6.38
N GLY A 114 3.73 4.63 5.44
CA GLY A 114 5.09 4.28 5.04
C GLY A 114 5.10 3.73 3.62
N CYS A 115 6.25 3.35 3.12
CA CYS A 115 6.33 2.84 1.77
C CYS A 115 6.43 1.36 1.86
N ARG A 116 5.55 0.68 1.14
CA ARG A 116 5.49 -0.77 1.18
C ARG A 116 5.40 -1.34 -0.22
N LYS B 13 -7.86 -1.90 -17.07
CA LYS B 13 -8.52 -2.23 -15.78
C LYS B 13 -8.24 -3.68 -15.34
N SER B 14 -7.00 -3.93 -14.89
CA SER B 14 -6.65 -5.20 -14.26
C SER B 14 -6.38 -5.07 -12.75
N SER B 15 -6.84 -6.05 -11.98
CA SER B 15 -6.95 -5.96 -10.52
C SER B 15 -5.68 -6.20 -9.73
N CYS B 16 -5.63 -5.60 -8.55
CA CYS B 16 -4.54 -5.82 -7.63
C CYS B 16 -4.17 -7.29 -7.56
N LYS B 17 -2.95 -7.66 -7.92
CA LYS B 17 -2.54 -9.05 -7.76
C LYS B 17 -1.02 -9.14 -7.69
N ARG B 18 -0.51 -10.33 -7.39
CA ARG B 18 0.94 -10.57 -7.34
C ARG B 18 1.48 -10.83 -8.73
N HIS B 19 2.66 -10.31 -9.01
CA HIS B 19 3.30 -10.51 -10.30
C HIS B 19 4.70 -11.13 -10.12
N PRO B 20 5.19 -11.87 -11.13
CA PRO B 20 6.53 -12.38 -10.87
C PRO B 20 7.57 -11.27 -10.97
N LEU B 21 8.63 -11.38 -10.20
CA LEU B 21 9.72 -10.48 -10.35
C LEU B 21 10.94 -11.22 -9.81
N TYR B 22 11.89 -11.51 -10.69
CA TYR B 22 13.13 -12.12 -10.22
C TYR B 22 14.21 -11.06 -9.98
N VAL B 23 14.95 -11.17 -8.88
CA VAL B 23 15.90 -10.12 -8.64
C VAL B 23 17.30 -10.65 -8.83
N ASP B 24 17.98 -10.24 -9.90
CA ASP B 24 19.33 -10.68 -10.07
C ASP B 24 20.22 -9.74 -9.27
N PHE B 25 20.95 -10.29 -8.31
CA PHE B 25 21.80 -9.42 -7.52
C PHE B 25 22.86 -8.74 -8.38
N SER B 26 23.13 -9.30 -9.56
CA SER B 26 24.05 -8.66 -10.52
C SER B 26 23.45 -7.42 -11.19
N ASP B 27 22.20 -7.48 -11.65
CA ASP B 27 21.59 -6.31 -12.28
C ASP B 27 21.59 -5.13 -11.34
N VAL B 28 21.37 -5.40 -10.07
CA VAL B 28 21.22 -4.32 -9.13
C VAL B 28 22.58 -3.97 -8.50
N GLY B 29 23.56 -4.85 -8.67
CA GLY B 29 24.97 -4.49 -8.43
C GLY B 29 25.54 -4.84 -7.08
N TRP B 30 25.09 -5.97 -6.53
CA TRP B 30 25.45 -6.40 -5.19
C TRP B 30 26.26 -7.63 -5.33
N ASN B 31 26.75 -7.85 -6.53
CA ASN B 31 27.48 -9.04 -6.87
C ASN B 31 28.74 -9.23 -6.03
N ASP B 32 29.07 -8.20 -5.23
CA ASP B 32 30.38 -8.10 -4.60
C ASP B 32 30.31 -7.97 -3.08
N TRP B 33 29.14 -7.69 -2.53
CA TRP B 33 29.02 -7.74 -1.07
C TRP B 33 28.12 -8.92 -0.72
N ILE B 34 27.41 -9.42 -1.72
CA ILE B 34 26.54 -10.56 -1.53
C ILE B 34 27.12 -11.73 -2.26
N VAL B 35 27.28 -12.84 -1.55
CA VAL B 35 27.93 -14.00 -2.10
C VAL B 35 26.96 -15.15 -2.37
N ALA B 36 25.85 -15.20 -1.62
CA ALA B 36 24.85 -16.22 -1.91
C ALA B 36 23.48 -15.91 -1.33
N PRO B 37 22.41 -16.10 -2.14
CA PRO B 37 22.29 -16.55 -3.54
C PRO B 37 22.61 -15.46 -4.57
N PRO B 38 22.52 -15.76 -5.88
CA PRO B 38 22.80 -14.76 -6.89
C PRO B 38 21.58 -13.94 -7.19
N GLY B 39 20.42 -14.47 -6.79
CA GLY B 39 19.13 -13.83 -7.00
C GLY B 39 18.08 -14.57 -6.23
N TYR B 40 16.83 -14.11 -6.34
CA TYR B 40 15.70 -14.73 -5.64
C TYR B 40 14.39 -14.22 -6.22
N HIS B 41 13.33 -15.02 -6.16
CA HIS B 41 12.04 -14.51 -6.59
C HIS B 41 11.42 -13.64 -5.53
N ALA B 42 11.30 -12.35 -5.83
CA ALA B 42 10.81 -11.40 -4.85
C ALA B 42 9.38 -11.03 -5.13
N PHE B 43 8.95 -11.18 -6.37
CA PHE B 43 7.58 -10.83 -6.69
C PHE B 43 7.26 -9.36 -6.43
N TYR B 44 6.11 -8.94 -6.89
CA TYR B 44 5.63 -7.63 -6.51
C TYR B 44 4.12 -7.51 -6.74
N CYS B 45 3.58 -6.39 -6.27
CA CYS B 45 2.15 -6.19 -6.22
C CYS B 45 1.73 -5.04 -7.13
N HIS B 46 0.70 -5.24 -7.94
CA HIS B 46 0.21 -4.20 -8.82
C HIS B 46 -1.21 -4.49 -9.27
N GLY B 47 -1.96 -3.40 -9.55
CA GLY B 47 -3.29 -3.46 -10.16
C GLY B 47 -4.30 -2.54 -9.50
N GLU B 48 -5.45 -2.34 -10.12
CA GLU B 48 -6.50 -1.49 -9.58
C GLU B 48 -7.03 -2.05 -8.28
N CYS B 49 -7.45 -1.15 -7.40
CA CYS B 49 -8.31 -1.50 -6.29
C CYS B 49 -9.65 -0.82 -6.53
N PRO B 50 -10.58 -1.48 -7.26
CA PRO B 50 -11.88 -0.91 -7.66
C PRO B 50 -12.91 -1.02 -6.55
N PHE B 51 -14.10 -0.51 -6.79
CA PHE B 51 -15.21 -0.79 -5.89
C PHE B 51 -16.02 -1.87 -6.51
N PRO B 52 -16.41 -2.87 -5.71
CA PRO B 52 -16.08 -3.15 -4.33
C PRO B 52 -14.73 -3.85 -4.25
N LEU B 53 -14.10 -3.83 -3.07
CA LEU B 53 -12.87 -4.58 -2.85
C LEU B 53 -13.23 -5.98 -2.46
N ALA B 54 -13.01 -6.92 -3.36
CA ALA B 54 -13.46 -8.27 -3.12
C ALA B 54 -12.74 -8.88 -1.88
N ASP B 55 -13.20 -10.04 -1.42
CA ASP B 55 -12.58 -10.71 -0.28
C ASP B 55 -11.07 -10.95 -0.41
N HIS B 56 -10.58 -11.38 -1.56
CA HIS B 56 -9.20 -11.82 -1.68
C HIS B 56 -8.18 -10.67 -1.74
N LEU B 57 -8.66 -9.42 -1.63
CA LEU B 57 -7.76 -8.27 -1.59
C LEU B 57 -7.49 -7.85 -0.16
N ASN B 58 -7.95 -8.64 0.82
CA ASN B 58 -7.59 -8.41 2.21
C ASN B 58 -7.57 -6.92 2.62
N SER B 59 -8.64 -6.19 2.32
CA SER B 59 -8.61 -4.79 2.56
C SER B 59 -8.95 -4.45 3.98
N THR B 60 -8.41 -3.34 4.46
CA THR B 60 -8.83 -2.84 5.74
C THR B 60 -10.11 -2.05 5.61
N ASN B 61 -10.77 -1.83 6.74
CA ASN B 61 -11.89 -0.93 6.82
C ASN B 61 -11.45 0.39 6.24
N HIS B 62 -10.31 0.89 6.68
CA HIS B 62 -9.85 2.16 6.07
C HIS B 62 -9.93 2.10 4.57
N ALA B 63 -9.26 1.11 3.96
CA ALA B 63 -9.12 1.11 2.53
C ALA B 63 -10.49 1.12 1.82
N ILE B 64 -11.44 0.43 2.44
CA ILE B 64 -12.76 0.30 1.90
C ILE B 64 -13.45 1.63 2.01
N VAL B 65 -13.29 2.33 3.13
CA VAL B 65 -13.88 3.64 3.23
C VAL B 65 -13.24 4.58 2.21
N GLN B 66 -11.92 4.47 2.09
CA GLN B 66 -11.20 5.34 1.16
C GLN B 66 -11.65 5.15 -0.31
N THR B 67 -12.01 3.93 -0.66
CA THR B 67 -12.41 3.63 -2.02
C THR B 67 -13.78 4.24 -2.22
N LEU B 68 -14.57 4.22 -1.16
CA LEU B 68 -15.91 4.72 -1.24
C LEU B 68 -15.89 6.23 -1.41
N VAL B 69 -14.97 6.88 -0.69
CA VAL B 69 -14.79 8.32 -0.75
C VAL B 69 -14.21 8.72 -2.11
N ASN B 70 -13.20 8.00 -2.56
CA ASN B 70 -12.67 8.31 -3.87
C ASN B 70 -13.76 8.36 -4.94
N SER B 71 -14.73 7.48 -4.82
CA SER B 71 -15.73 7.36 -5.85
C SER B 71 -16.69 8.55 -5.87
N VAL B 72 -16.71 9.32 -4.79
CA VAL B 72 -17.54 10.52 -4.68
C VAL B 72 -16.66 11.76 -4.77
N ASN B 73 -15.40 11.62 -4.34
CA ASN B 73 -14.48 12.73 -4.48
C ASN B 73 -13.20 12.28 -5.14
N SER B 74 -13.07 12.56 -6.43
CA SER B 74 -11.89 12.15 -7.21
C SER B 74 -10.55 12.65 -6.63
N LYS B 75 -10.61 13.73 -5.83
CA LYS B 75 -9.41 14.27 -5.21
C LYS B 75 -8.77 13.34 -4.18
N ILE B 76 -9.54 12.40 -3.64
CA ILE B 76 -9.01 11.41 -2.71
C ILE B 76 -8.56 10.18 -3.49
N PRO B 77 -7.31 9.74 -3.33
CA PRO B 77 -6.82 8.61 -4.15
C PRO B 77 -7.48 7.28 -3.84
N LYS B 78 -7.38 6.34 -4.76
CA LYS B 78 -7.79 4.98 -4.48
C LYS B 78 -6.77 4.32 -3.57
N ALA B 79 -7.22 3.22 -2.98
CA ALA B 79 -6.41 2.37 -2.15
C ALA B 79 -5.31 1.80 -3.04
N CYS B 80 -4.20 1.40 -2.43
CA CYS B 80 -3.04 0.95 -3.21
C CYS B 80 -2.72 -0.52 -3.14
N CYS B 81 -2.40 -1.10 -4.28
CA CYS B 81 -2.12 -2.54 -4.33
C CYS B 81 -0.69 -2.79 -3.83
N VAL B 82 -0.58 -3.44 -2.66
CA VAL B 82 0.68 -3.62 -1.96
C VAL B 82 0.76 -4.98 -1.28
N PRO B 83 1.95 -5.37 -0.80
CA PRO B 83 2.08 -6.71 -0.22
C PRO B 83 1.42 -6.76 1.12
N THR B 84 0.52 -7.73 1.34
CA THR B 84 -0.12 -7.85 2.66
C THR B 84 0.44 -9.05 3.43
N GLU B 85 1.25 -9.86 2.75
CA GLU B 85 1.97 -10.92 3.43
C GLU B 85 3.35 -11.14 2.83
N LEU B 86 4.35 -11.08 3.67
CA LEU B 86 5.76 -11.16 3.26
C LEU B 86 6.47 -12.30 3.97
N SER B 87 7.55 -12.80 3.37
CA SER B 87 8.32 -13.86 4.03
C SER B 87 9.83 -13.65 3.94
N ALA B 88 10.58 -14.51 4.65
CA ALA B 88 11.99 -14.29 4.85
C ALA B 88 12.87 -15.08 3.89
N ILE B 89 14.11 -14.63 3.73
CA ILE B 89 15.15 -15.41 3.05
C ILE B 89 16.47 -15.17 3.77
N SER B 90 17.40 -16.11 3.61
CA SER B 90 18.69 -15.99 4.24
C SER B 90 19.71 -15.70 3.18
N MET B 91 20.72 -14.90 3.50
CA MET B 91 21.78 -14.68 2.52
C MET B 91 23.15 -14.82 3.14
N LEU B 92 24.14 -15.06 2.30
CA LEU B 92 25.52 -15.05 2.73
C LEU B 92 26.17 -13.81 2.15
N TYR B 93 26.73 -12.96 3.00
CA TYR B 93 27.38 -11.75 2.51
C TYR B 93 28.75 -11.47 3.14
N LEU B 94 29.61 -10.77 2.39
CA LEU B 94 30.92 -10.32 2.86
C LEU B 94 30.81 -8.96 3.54
N ASP B 95 30.87 -8.96 4.86
CA ASP B 95 30.67 -7.72 5.66
C ASP B 95 31.94 -6.83 5.81
N GLU B 96 31.79 -5.60 6.29
CA GLU B 96 32.88 -4.59 6.27
C GLU B 96 34.32 -5.16 6.23
N ASN B 97 34.75 -5.80 7.31
CA ASN B 97 36.08 -6.44 7.35
C ASN B 97 36.10 -7.80 6.62
N GLU B 98 35.61 -7.82 5.37
CA GLU B 98 35.53 -9.04 4.52
C GLU B 98 35.21 -10.37 5.27
N LYS B 99 34.25 -10.29 6.20
CA LYS B 99 33.75 -11.48 6.90
C LYS B 99 32.60 -12.11 6.11
N VAL B 100 32.46 -13.43 6.20
CA VAL B 100 31.34 -14.15 5.59
C VAL B 100 30.29 -14.51 6.64
N VAL B 101 29.23 -13.73 6.68
CA VAL B 101 28.17 -13.94 7.64
C VAL B 101 26.87 -14.42 6.95
N LEU B 102 26.20 -15.35 7.62
CA LEU B 102 24.90 -15.83 7.22
C LEU B 102 23.91 -14.99 7.97
N LYS B 103 22.93 -14.43 7.28
CA LYS B 103 21.95 -13.59 7.95
C LYS B 103 20.56 -13.71 7.32
N ASN B 104 19.57 -13.71 8.21
CA ASN B 104 18.18 -13.91 7.85
C ASN B 104 17.51 -12.54 7.57
N TYR B 105 17.03 -12.34 6.35
CA TYR B 105 16.36 -11.08 6.02
C TYR B 105 14.86 -11.27 6.01
N GLN B 106 14.17 -10.46 6.82
CA GLN B 106 12.73 -10.47 6.93
C GLN B 106 12.08 -9.73 5.76
N ASP B 107 10.76 -9.86 5.62
CA ASP B 107 9.97 -9.13 4.62
C ASP B 107 10.62 -9.02 3.24
N MET B 108 11.12 -10.13 2.66
CA MET B 108 11.83 -10.03 1.39
C MET B 108 11.01 -10.45 0.19
N VAL B 109 10.07 -11.36 0.43
CA VAL B 109 9.31 -11.97 -0.61
C VAL B 109 7.83 -11.70 -0.36
N VAL B 110 7.11 -11.24 -1.38
CA VAL B 110 5.67 -11.11 -1.32
C VAL B 110 5.02 -12.47 -1.47
N GLU B 111 4.30 -12.90 -0.43
CA GLU B 111 3.48 -14.09 -0.51
C GLU B 111 2.05 -13.72 -0.83
N GLY B 112 1.64 -12.50 -0.52
CA GLY B 112 0.27 -12.08 -0.81
C GLY B 112 0.17 -10.59 -1.01
N CYS B 113 -0.72 -10.19 -1.92
CA CYS B 113 -1.07 -8.78 -2.19
C CYS B 113 -2.48 -8.40 -1.75
N GLY B 114 -2.68 -7.11 -1.50
CA GLY B 114 -3.99 -6.56 -1.13
C GLY B 114 -4.10 -5.05 -1.29
N CYS B 115 -5.33 -4.54 -1.16
CA CYS B 115 -5.60 -3.12 -1.26
C CYS B 115 -5.63 -2.49 0.12
N ARG B 116 -4.96 -1.36 0.24
CA ARG B 116 -4.67 -0.84 1.56
C ARG B 116 -4.63 0.65 1.48
N THR C 38 15.39 -2.06 18.62
CA THR C 38 16.51 -1.13 18.96
C THR C 38 16.09 0.34 18.81
N LEU C 39 16.43 1.18 19.80
CA LEU C 39 15.99 2.59 19.84
C LEU C 39 16.83 3.53 18.96
N PRO C 40 16.22 4.61 18.43
CA PRO C 40 16.98 5.73 17.85
C PRO C 40 18.07 6.27 18.79
N PHE C 41 19.29 6.40 18.28
CA PHE C 41 20.41 6.90 19.08
C PHE C 41 21.30 7.85 18.30
N LEU C 42 21.00 8.06 17.03
CA LEU C 42 21.89 8.74 16.13
C LEU C 42 21.19 9.90 15.45
N LYS C 43 21.87 11.03 15.46
CA LYS C 43 21.43 12.28 14.86
C LYS C 43 22.08 12.49 13.48
N CYS C 44 21.31 12.89 12.49
CA CYS C 44 21.83 13.17 11.15
C CYS C 44 21.29 14.48 10.59
N TYR C 45 22.07 15.17 9.75
CA TYR C 45 21.51 16.30 9.02
C TYR C 45 20.60 15.72 7.97
N CYS C 46 19.51 16.39 7.64
CA CYS C 46 18.66 15.94 6.55
C CYS C 46 18.31 17.13 5.69
N SER C 47 18.34 16.99 4.37
CA SER C 47 18.03 18.17 3.57
C SER C 47 16.93 18.09 2.51
N HIS C 48 16.71 16.95 1.85
CA HIS C 48 15.48 16.85 1.06
C HIS C 48 14.58 15.71 1.51
N HIS C 49 15.10 14.96 2.47
CA HIS C 49 14.47 13.75 2.96
C HIS C 49 14.11 13.83 4.43
N CYS C 50 13.93 15.05 4.95
CA CYS C 50 13.51 15.23 6.35
C CYS C 50 12.13 14.66 6.66
N PRO C 51 12.00 14.08 7.86
CA PRO C 51 10.69 13.74 8.43
C PRO C 51 9.97 15.03 8.73
N GLU C 52 8.65 15.02 8.73
CA GLU C 52 7.88 16.25 8.97
C GLU C 52 8.28 16.95 10.28
N ASP C 53 8.65 16.16 11.28
CA ASP C 53 8.93 16.62 12.63
C ASP C 53 10.44 16.81 12.89
N ALA C 54 11.22 17.00 11.83
CA ALA C 54 12.65 17.23 11.99
C ALA C 54 12.92 18.47 12.85
N ILE C 55 14.11 18.52 13.42
CA ILE C 55 14.47 19.54 14.36
C ILE C 55 15.77 20.10 13.85
N ASN C 56 15.79 21.40 13.57
CA ASN C 56 16.97 22.06 13.01
C ASN C 56 17.56 21.33 11.84
N ASN C 57 16.70 20.80 10.98
CA ASN C 57 17.15 20.02 9.85
C ASN C 57 17.97 18.82 10.32
N THR C 58 17.38 18.10 11.27
CA THR C 58 18.01 16.98 11.91
C THR C 58 16.95 15.85 12.05
N CYS C 59 17.39 14.60 11.92
CA CYS C 59 16.49 13.48 12.12
C CYS C 59 17.19 12.54 13.06
N ILE C 60 16.46 11.62 13.67
CA ILE C 60 17.12 10.65 14.55
C ILE C 60 16.82 9.27 14.07
N THR C 61 17.71 8.33 14.34
CA THR C 61 17.54 7.02 13.76
C THR C 61 18.37 5.99 14.48
N ASN C 62 18.09 4.72 14.17
CA ASN C 62 18.81 3.62 14.73
C ASN C 62 19.70 3.01 13.67
N GLY C 63 19.61 3.58 12.47
CA GLY C 63 20.37 3.13 11.32
C GLY C 63 21.61 3.96 11.00
N HIS C 64 21.60 4.65 9.86
CA HIS C 64 22.79 5.41 9.44
C HIS C 64 22.45 6.80 8.87
N CYS C 65 23.36 7.75 8.92
CA CYS C 65 23.14 9.01 8.21
C CYS C 65 23.44 8.82 6.72
N PHE C 66 22.77 9.55 5.84
CA PHE C 66 23.17 9.44 4.44
C PHE C 66 23.37 10.80 3.82
N THR C 67 24.09 10.81 2.71
CA THR C 67 24.25 11.98 1.89
C THR C 67 24.36 11.48 0.46
N MET C 68 23.58 12.09 -0.43
CA MET C 68 23.52 11.62 -1.79
C MET C 68 23.67 12.73 -2.84
N ILE C 69 24.37 12.38 -3.94
CA ILE C 69 24.50 13.27 -5.08
C ILE C 69 23.73 12.67 -6.23
N GLU C 70 22.95 13.51 -6.90
CA GLU C 70 22.06 13.03 -7.94
C GLU C 70 22.09 13.97 -9.14
N GLU C 71 22.37 13.39 -10.31
CA GLU C 71 22.25 14.11 -11.57
C GLU C 71 20.86 13.83 -12.11
N ASP C 72 20.25 14.79 -12.80
CA ASP C 72 18.98 14.53 -13.48
C ASP C 72 19.19 14.26 -14.98
N ASP C 73 18.12 14.42 -15.76
CA ASP C 73 18.17 14.10 -17.17
C ASP C 73 18.81 15.18 -18.05
N GLN C 74 18.69 16.44 -17.62
CA GLN C 74 19.30 17.55 -18.35
C GLN C 74 20.13 18.47 -17.44
N GLY C 75 21.25 17.95 -16.93
CA GLY C 75 22.25 18.79 -16.26
C GLY C 75 22.19 18.92 -14.76
N GLU C 76 21.33 19.80 -14.26
CA GLU C 76 21.27 20.13 -12.83
C GLU C 76 21.56 18.91 -11.94
N THR C 77 22.57 19.05 -11.09
CA THR C 77 22.88 18.04 -10.08
C THR C 77 22.54 18.57 -8.67
N THR C 78 21.92 17.73 -7.84
CA THR C 78 21.42 18.15 -6.53
C THR C 78 21.69 17.18 -5.38
N LEU C 79 21.70 17.71 -4.17
CA LEU C 79 22.31 17.02 -3.04
C LEU C 79 21.27 16.70 -1.99
N THR C 80 21.39 15.53 -1.39
CA THR C 80 20.35 15.05 -0.51
C THR C 80 21.00 14.40 0.70
N SER C 81 20.27 14.36 1.81
CA SER C 81 20.78 13.75 3.02
C SER C 81 19.65 13.54 3.98
N GLY C 82 19.85 12.69 4.97
CA GLY C 82 18.80 12.34 5.91
C GLY C 82 19.22 11.09 6.66
N CYS C 83 18.24 10.33 7.16
CA CYS C 83 18.49 9.14 7.96
C CYS C 83 18.03 7.86 7.25
N LEU C 84 18.82 6.80 7.33
CA LEU C 84 18.36 5.48 6.81
C LEU C 84 18.01 4.56 7.96
N GLY C 85 16.79 4.02 7.94
CA GLY C 85 16.41 3.04 8.92
C GLY C 85 17.42 1.93 8.92
N LEU C 86 17.50 1.19 10.02
CA LEU C 86 18.46 0.13 10.13
C LEU C 86 18.07 -1.03 9.21
N GLU C 87 16.79 -1.35 9.17
CA GLU C 87 16.37 -2.50 8.39
C GLU C 87 16.57 -2.15 6.92
N GLY C 88 17.27 -3.01 6.20
CA GLY C 88 17.55 -2.71 4.82
C GLY C 88 18.56 -1.61 4.58
N SER C 89 19.28 -1.21 5.62
CA SER C 89 20.35 -0.22 5.46
C SER C 89 21.46 -0.72 4.51
N ASP C 90 21.74 -2.03 4.51
CA ASP C 90 22.80 -2.59 3.63
C ASP C 90 22.48 -2.44 2.14
N PHE C 91 21.21 -2.50 1.76
CA PHE C 91 20.91 -2.36 0.34
C PHE C 91 20.91 -0.89 -0.07
N GLN C 92 20.74 -0.01 0.88
CA GLN C 92 20.74 1.40 0.53
C GLN C 92 22.15 2.03 0.63
N CYS C 93 23.00 1.51 1.51
CA CYS C 93 24.40 1.96 1.60
C CYS C 93 25.37 1.10 0.78
N ARG C 94 24.89 0.43 -0.27
CA ARG C 94 25.78 -0.28 -1.17
C ARG C 94 25.71 0.41 -2.52
N ASP C 95 26.80 0.35 -3.29
CA ASP C 95 26.89 1.18 -4.50
C ASP C 95 26.61 0.53 -5.84
N THR C 96 25.46 0.93 -6.38
CA THR C 96 24.88 0.49 -7.66
C THR C 96 25.78 0.76 -8.90
N PRO C 97 25.46 0.13 -10.05
CA PRO C 97 26.28 0.39 -11.21
C PRO C 97 25.60 1.32 -12.23
N ILE C 98 24.30 1.15 -12.48
CA ILE C 98 23.65 1.92 -13.58
C ILE C 98 22.11 2.19 -13.50
N PRO C 99 21.70 3.26 -12.76
CA PRO C 99 20.32 3.76 -12.85
C PRO C 99 19.99 4.51 -14.18
N HIS C 100 18.92 5.33 -14.19
CA HIS C 100 18.56 6.14 -15.38
C HIS C 100 19.54 7.32 -15.62
N GLN C 101 19.72 8.13 -14.57
CA GLN C 101 20.79 9.15 -14.49
C GLN C 101 21.59 8.85 -13.21
N ARG C 102 22.89 9.14 -13.22
CA ARG C 102 23.77 8.60 -12.18
C ARG C 102 23.74 9.35 -10.83
N ARG C 103 24.12 8.63 -9.79
CA ARG C 103 24.04 9.14 -8.44
C ARG C 103 24.97 8.33 -7.55
N SER C 104 25.38 8.93 -6.44
CA SER C 104 26.09 8.17 -5.42
C SER C 104 25.63 8.57 -4.03
N ILE C 105 25.81 7.62 -3.12
CA ILE C 105 25.30 7.73 -1.78
C ILE C 105 26.34 7.22 -0.81
N GLU C 106 26.47 7.91 0.32
CA GLU C 106 27.38 7.48 1.37
C GLU C 106 26.71 7.58 2.74
N CYS C 107 27.07 6.65 3.61
CA CYS C 107 26.48 6.53 4.92
C CYS C 107 27.57 6.65 5.97
N CYS C 108 27.22 7.09 7.17
CA CYS C 108 28.09 6.99 8.34
C CYS C 108 27.25 6.94 9.63
N ARG C 109 27.88 6.61 10.76
CA ARG C 109 27.17 6.28 12.01
C ARG C 109 27.70 7.09 13.17
N THR C 110 27.82 8.39 12.98
CA THR C 110 28.21 9.23 14.08
C THR C 110 27.40 10.50 13.96
N ASN C 111 27.02 11.04 15.11
CA ASN C 111 26.21 12.23 15.16
C ASN C 111 26.66 13.30 14.19
N LEU C 112 25.74 13.67 13.31
CA LEU C 112 25.90 14.77 12.37
C LEU C 112 26.99 14.52 11.36
N CYS C 113 27.35 13.24 11.20
CA CYS C 113 28.48 12.83 10.40
C CYS C 113 28.30 13.14 8.92
N ASN C 114 27.07 13.31 8.45
CA ASN C 114 26.87 13.58 7.03
C ASN C 114 27.13 14.97 6.42
N GLN C 115 27.40 16.03 7.19
CA GLN C 115 27.88 17.25 6.47
C GLN C 115 29.34 17.07 6.10
N TYR C 116 29.96 16.02 6.64
CA TYR C 116 31.36 15.72 6.35
C TYR C 116 31.48 14.74 5.18
N LEU C 117 30.35 14.20 4.72
CA LEU C 117 30.35 13.39 3.50
C LEU C 117 30.12 14.27 2.30
N GLN C 118 30.86 14.02 1.22
CA GLN C 118 30.61 14.71 -0.03
C GLN C 118 30.89 13.80 -1.22
N PRO C 119 29.85 13.08 -1.65
CA PRO C 119 29.95 12.04 -2.66
C PRO C 119 30.07 12.65 -4.04
N THR C 120 30.71 11.92 -4.95
CA THR C 120 30.86 12.38 -6.33
C THR C 120 30.47 11.27 -7.30
N LEU C 121 30.11 11.67 -8.52
CA LEU C 121 29.74 10.71 -9.55
C LEU C 121 30.99 10.08 -10.17
N PRO C 122 30.95 8.74 -10.37
CA PRO C 122 32.05 7.96 -10.97
C PRO C 122 32.51 8.46 -12.35
N THR D 38 -13.11 -15.59 11.64
CA THR D 38 -14.08 -16.54 11.07
C THR D 38 -13.56 -17.19 9.79
N LEU D 39 -13.73 -18.50 9.70
CA LEU D 39 -13.47 -19.21 8.49
C LEU D 39 -14.53 -18.85 7.45
N PRO D 40 -14.13 -18.89 6.18
CA PRO D 40 -15.09 -18.79 5.11
C PRO D 40 -16.07 -19.97 5.16
N PHE D 41 -17.34 -19.71 4.93
CA PHE D 41 -18.35 -20.76 5.07
C PHE D 41 -19.32 -20.57 3.91
N LEU D 42 -19.06 -19.56 3.10
CA LEU D 42 -20.02 -19.15 2.07
C LEU D 42 -19.43 -19.26 0.65
N LYS D 43 -20.14 -19.96 -0.24
CA LYS D 43 -19.72 -20.12 -1.63
C LYS D 43 -20.48 -19.11 -2.54
N CYS D 44 -19.79 -18.35 -3.40
CA CYS D 44 -20.47 -17.46 -4.39
C CYS D 44 -19.93 -17.54 -5.80
N TYR D 45 -20.72 -17.07 -6.77
CA TYR D 45 -20.31 -16.96 -8.16
C TYR D 45 -19.47 -15.72 -8.26
N CYS D 46 -18.51 -15.69 -9.18
CA CYS D 46 -17.76 -14.48 -9.35
C CYS D 46 -17.56 -14.17 -10.81
N SER D 47 -17.66 -12.90 -11.17
CA SER D 47 -17.57 -12.59 -12.58
C SER D 47 -16.36 -11.76 -13.02
N HIS D 48 -16.18 -10.56 -12.55
CA HIS D 48 -14.91 -9.93 -12.98
C HIS D 48 -13.99 -9.81 -11.76
N HIS D 49 -14.59 -10.05 -10.61
CA HIS D 49 -13.94 -9.89 -9.34
C HIS D 49 -13.56 -11.22 -8.75
N CYS D 50 -13.24 -12.19 -9.60
CA CYS D 50 -12.77 -13.49 -9.15
C CYS D 50 -11.34 -13.43 -8.61
N PRO D 51 -11.06 -14.22 -7.58
CA PRO D 51 -9.71 -14.38 -7.09
C PRO D 51 -8.90 -15.12 -8.14
N GLU D 52 -7.59 -14.95 -8.14
CA GLU D 52 -6.84 -15.45 -9.26
C GLU D 52 -6.80 -16.97 -9.24
N ASP D 53 -7.37 -17.57 -8.20
CA ASP D 53 -7.36 -19.02 -8.09
C ASP D 53 -8.79 -19.58 -7.98
N ALA D 54 -9.76 -18.79 -8.44
CA ALA D 54 -11.15 -19.22 -8.48
C ALA D 54 -11.29 -20.44 -9.38
N ILE D 55 -12.09 -21.43 -8.99
CA ILE D 55 -12.42 -22.44 -9.97
C ILE D 55 -13.90 -22.41 -10.33
N ASN D 56 -14.21 -22.77 -11.58
CA ASN D 56 -15.57 -22.65 -12.12
C ASN D 56 -16.27 -21.35 -11.70
N ASN D 57 -15.54 -20.25 -11.67
CA ASN D 57 -16.19 -18.98 -11.43
C ASN D 57 -16.98 -18.97 -10.15
N THR D 58 -16.40 -19.55 -9.10
CA THR D 58 -16.93 -19.42 -7.76
C THR D 58 -15.81 -18.99 -6.86
N CYS D 59 -16.17 -18.46 -5.70
CA CYS D 59 -15.18 -18.06 -4.73
C CYS D 59 -15.81 -18.33 -3.40
N ILE D 60 -15.00 -18.36 -2.35
CA ILE D 60 -15.53 -18.54 -1.00
C ILE D 60 -15.18 -17.35 -0.10
N THR D 61 -15.94 -17.17 0.98
CA THR D 61 -15.76 -16.02 1.83
C THR D 61 -16.49 -16.20 3.16
N ASN D 62 -16.19 -15.33 4.11
CA ASN D 62 -16.90 -15.33 5.37
C ASN D 62 -17.85 -14.13 5.49
N GLY D 63 -18.11 -13.45 4.37
CA GLY D 63 -18.95 -12.28 4.34
C GLY D 63 -20.22 -12.50 3.56
N HIS D 64 -20.32 -11.89 2.38
CA HIS D 64 -21.54 -12.02 1.58
C HIS D 64 -21.15 -12.15 0.16
N CYS D 65 -22.09 -12.61 -0.68
CA CYS D 65 -21.88 -12.66 -2.11
C CYS D 65 -22.43 -11.41 -2.71
N PHE D 66 -21.86 -10.93 -3.81
CA PHE D 66 -22.44 -9.74 -4.39
C PHE D 66 -22.65 -9.82 -5.88
N THR D 67 -23.58 -9.01 -6.36
CA THR D 67 -23.76 -8.78 -7.77
C THR D 67 -23.97 -7.27 -7.92
N MET D 68 -23.23 -6.66 -8.83
CA MET D 68 -23.38 -5.24 -9.07
C MET D 68 -23.41 -5.00 -10.59
N ILE D 69 -24.24 -4.03 -10.99
CA ILE D 69 -24.26 -3.50 -12.35
C ILE D 69 -23.67 -2.09 -12.33
N GLU D 70 -22.78 -1.79 -13.26
CA GLU D 70 -22.30 -0.43 -13.34
C GLU D 70 -22.25 0.06 -14.75
N GLU D 71 -22.20 1.37 -14.91
CA GLU D 71 -22.12 1.98 -16.23
C GLU D 71 -20.71 2.48 -16.49
N ASP D 72 -20.25 2.30 -17.73
CA ASP D 72 -19.01 2.91 -18.17
C ASP D 72 -19.28 4.17 -19.02
N ASP D 73 -18.22 4.84 -19.43
CA ASP D 73 -18.37 6.16 -20.02
C ASP D 73 -19.03 6.15 -21.37
N GLN D 74 -19.19 4.97 -21.97
CA GLN D 74 -19.86 4.88 -23.26
C GLN D 74 -21.27 4.33 -23.11
N GLY D 75 -21.76 4.30 -21.88
CA GLY D 75 -23.09 3.77 -21.59
C GLY D 75 -23.16 2.25 -21.48
N GLU D 76 -22.09 1.56 -21.86
CA GLU D 76 -22.07 0.13 -21.70
C GLU D 76 -22.08 -0.20 -20.22
N THR D 77 -22.91 -1.16 -19.88
CA THR D 77 -23.06 -1.56 -18.51
C THR D 77 -22.29 -2.86 -18.37
N THR D 78 -22.07 -3.31 -17.16
CA THR D 78 -21.38 -4.57 -16.96
C THR D 78 -21.85 -5.24 -15.67
N LEU D 79 -22.04 -6.53 -15.72
CA LEU D 79 -22.42 -7.27 -14.55
C LEU D 79 -21.15 -7.77 -13.94
N THR D 80 -20.91 -7.46 -12.66
CA THR D 80 -19.83 -8.11 -11.95
C THR D 80 -20.41 -8.82 -10.72
N SER D 81 -19.63 -9.67 -10.08
CA SER D 81 -20.14 -10.43 -8.96
C SER D 81 -18.98 -11.13 -8.26
N GLY D 82 -19.13 -11.47 -7.00
CA GLY D 82 -18.00 -12.07 -6.31
C GLY D 82 -18.27 -12.14 -4.83
N CYS D 83 -17.19 -12.19 -4.04
CA CYS D 83 -17.30 -12.42 -2.62
C CYS D 83 -16.81 -11.15 -1.94
N LEU D 84 -17.47 -10.73 -0.87
CA LEU D 84 -17.02 -9.57 -0.07
C LEU D 84 -16.56 -10.08 1.25
N GLY D 85 -15.39 -9.70 1.73
CA GLY D 85 -15.00 -10.10 3.07
C GLY D 85 -15.97 -9.59 4.13
N LEU D 86 -16.00 -10.26 5.27
CA LEU D 86 -16.85 -9.83 6.38
C LEU D 86 -16.51 -8.40 6.81
N GLU D 87 -15.23 -8.10 6.95
CA GLU D 87 -14.84 -6.73 7.35
C GLU D 87 -15.23 -5.68 6.31
N GLY D 88 -15.94 -4.64 6.73
CA GLY D 88 -16.30 -3.57 5.81
C GLY D 88 -17.46 -3.88 4.88
N SER D 89 -18.03 -5.08 5.00
CA SER D 89 -19.21 -5.37 4.23
C SER D 89 -20.36 -4.39 4.52
N ASP D 90 -20.48 -3.89 5.74
CA ASP D 90 -21.47 -2.86 6.01
C ASP D 90 -21.36 -1.74 4.97
N PHE D 91 -20.20 -1.13 4.87
CA PHE D 91 -20.01 -0.05 3.91
C PHE D 91 -20.22 -0.46 2.44
N GLN D 92 -19.63 -1.56 2.01
CA GLN D 92 -19.72 -1.92 0.61
C GLN D 92 -21.16 -2.31 0.20
N CYS D 93 -21.84 -3.10 1.02
CA CYS D 93 -23.18 -3.55 0.67
C CYS D 93 -24.15 -2.36 0.58
N ARG D 94 -23.94 -1.37 1.44
CA ARG D 94 -24.72 -0.15 1.43
C ARG D 94 -24.43 0.78 0.24
N ASP D 95 -23.14 1.04 -0.03
CA ASP D 95 -22.68 2.00 -1.07
C ASP D 95 -22.96 3.46 -0.71
N THR D 96 -22.62 4.39 -1.61
CA THR D 96 -23.06 5.76 -1.52
C THR D 96 -24.15 5.91 -2.53
N PRO D 97 -25.21 6.65 -2.20
CA PRO D 97 -26.22 6.88 -3.19
C PRO D 97 -25.67 7.63 -4.40
N ILE D 98 -24.53 8.31 -4.26
CA ILE D 98 -24.10 9.21 -5.31
C ILE D 98 -22.64 9.10 -5.74
N PRO D 99 -22.27 7.99 -6.39
CA PRO D 99 -20.94 7.93 -7.00
C PRO D 99 -20.88 8.68 -8.34
N HIS D 100 -19.66 8.88 -8.85
CA HIS D 100 -19.42 9.51 -10.16
C HIS D 100 -19.99 8.72 -11.34
N GLN D 101 -20.11 7.39 -11.19
CA GLN D 101 -20.64 6.51 -12.23
C GLN D 101 -21.81 5.74 -11.60
N ARG D 102 -22.94 5.76 -12.27
CA ARG D 102 -24.13 5.09 -11.84
C ARG D 102 -23.80 3.62 -11.58
N ARG D 103 -24.14 3.12 -10.39
CA ARG D 103 -23.98 1.70 -10.16
C ARG D 103 -24.99 1.19 -9.16
N SER D 104 -25.10 -0.11 -9.03
CA SER D 104 -25.93 -0.68 -7.98
C SER D 104 -25.37 -2.03 -7.52
N ILE D 105 -25.15 -2.14 -6.22
CA ILE D 105 -24.64 -3.36 -5.62
C ILE D 105 -25.68 -3.97 -4.69
N GLU D 106 -25.85 -5.29 -4.81
CA GLU D 106 -26.72 -6.07 -3.89
C GLU D 106 -25.96 -7.26 -3.31
N CYS D 107 -26.26 -7.61 -2.06
CA CYS D 107 -25.54 -8.67 -1.34
C CYS D 107 -26.54 -9.66 -0.85
N CYS D 108 -26.09 -10.90 -0.60
CA CYS D 108 -26.93 -11.91 0.07
C CYS D 108 -26.02 -12.94 0.73
N ARG D 109 -26.57 -13.81 1.54
CA ARG D 109 -25.74 -14.62 2.38
C ARG D 109 -26.06 -16.11 2.42
N THR D 110 -26.41 -16.68 1.28
CA THR D 110 -26.56 -18.11 1.16
C THR D 110 -25.83 -18.59 -0.10
N ASN D 111 -25.34 -19.84 -0.07
CA ASN D 111 -24.53 -20.43 -1.13
C ASN D 111 -25.04 -20.18 -2.52
N LEU D 112 -24.23 -19.49 -3.29
CA LEU D 112 -24.54 -19.20 -4.67
C LEU D 112 -25.68 -18.19 -4.85
N CYS D 113 -26.13 -17.58 -3.76
CA CYS D 113 -27.32 -16.70 -3.82
C CYS D 113 -27.23 -15.59 -4.85
N ASN D 114 -26.03 -15.06 -5.11
CA ASN D 114 -25.87 -13.97 -6.08
C ASN D 114 -26.28 -14.32 -7.52
N GLN D 115 -26.48 -15.60 -7.82
CA GLN D 115 -27.12 -15.91 -9.10
C GLN D 115 -28.52 -15.28 -9.21
N TYR D 116 -29.21 -15.08 -8.09
CA TYR D 116 -30.59 -14.59 -8.14
C TYR D 116 -30.73 -13.09 -7.98
N LEU D 117 -29.61 -12.39 -7.85
CA LEU D 117 -29.66 -10.95 -7.65
C LEU D 117 -29.60 -10.25 -9.01
N GLN D 118 -30.53 -9.31 -9.24
CA GLN D 118 -30.47 -8.55 -10.48
C GLN D 118 -30.60 -7.05 -10.22
N PRO D 119 -29.48 -6.44 -9.81
CA PRO D 119 -29.36 -5.03 -9.50
C PRO D 119 -29.66 -4.25 -10.75
N THR D 120 -30.23 -3.07 -10.63
CA THR D 120 -30.44 -2.23 -11.80
C THR D 120 -29.91 -0.84 -11.55
N LEU D 121 -29.65 -0.10 -12.63
CA LEU D 121 -29.07 1.23 -12.47
C LEU D 121 -30.08 2.11 -11.78
N PRO D 122 -29.62 3.05 -10.94
CA PRO D 122 -30.59 3.97 -10.38
C PRO D 122 -31.03 4.94 -11.47
N PRO D 123 -32.33 5.32 -11.46
CA PRO D 123 -32.80 6.27 -12.46
C PRO D 123 -31.92 7.48 -12.44
N VAL D 124 -31.66 8.05 -13.62
CA VAL D 124 -30.79 9.20 -13.71
C VAL D 124 -31.53 10.37 -13.12
N VAL D 125 -32.67 10.09 -12.48
CA VAL D 125 -33.50 11.16 -11.90
C VAL D 125 -32.60 12.30 -11.43
N ILE D 126 -32.97 13.52 -11.82
CA ILE D 126 -32.04 14.64 -11.77
C ILE D 126 -32.53 15.91 -12.50
N GLY D 127 -32.16 17.05 -11.92
CA GLY D 127 -32.33 18.34 -12.54
C GLY D 127 -30.96 19.02 -12.53
CL CL E . 0.50 -2.74 4.46
#